data_5Q1Q
#
_entry.id   5Q1Q
#
_cell.length_a   52.060
_cell.length_b   56.990
_cell.length_c   114.850
_cell.angle_alpha   90.000
_cell.angle_beta   90.000
_cell.angle_gamma   90.000
#
_symmetry.space_group_name_H-M   'P 21 21 21'
#
loop_
_entity.id
_entity.type
_entity.pdbx_description
1 polymer 'DNA cross-link repair 1A protein'
2 non-polymer 'MALONATE ION'
3 non-polymer 'NICKEL (II) ION'
4 non-polymer 8-[(dimethylamino)methyl]-4-methyl-7-oxidanyl-chromen-2-one
5 water water
#
_entity_poly.entity_id   1
_entity_poly.type   'polypeptide(L)'
_entity_poly.pdbx_seq_one_letter_code
;KKTCPFYKKIPGTGFTVDAFQYGVVEGCTAYFLTHFHSDHYAGLSKHFTFPVYCSEITGNLLKNKLHVQEQYIHPLPLDT
ECIVNGVKVVLLDANHCPGAVMILFYLPNGTVILHTGDFRADPSMERSLLADQKVHMLYLDTTYCSPEYTFPSQQEVIRF
AINTAFEAVTLNPHALVVCGTYSIGKEKVFLAIADVLGSKVGMSQEKYKTLQCLNIPEINSLITTDMCSSLVHLLPMMQI
NFKGLQSHLKKCGGKYNQILAFRPTGWTHSNKFTRIADVIPQTKGNISIYGIPYSEHSSYLEMKRFVQWLKPQKIIPTVN
VGTWKSRSTMEKYFREWKLEAGY
;
_entity_poly.pdbx_strand_id   A
#
loop_
_chem_comp.id
_chem_comp.type
_chem_comp.name
_chem_comp.formula
AWS non-polymer 8-[(dimethylamino)methyl]-4-methyl-7-oxidanyl-chromen-2-one 'C13 H15 N O3'
MLI non-polymer 'MALONATE ION' 'C3 H2 O4 -2'
NI non-polymer 'NICKEL (II) ION' 'Ni 2'
#
# COMPACT_ATOMS: atom_id res chain seq x y z
N THR A 3 14.12 -1.98 -21.38
CA THR A 3 15.11 -1.06 -20.74
C THR A 3 14.47 -0.06 -19.77
N CYS A 4 15.27 0.37 -18.80
CA CYS A 4 14.76 1.17 -17.68
C CYS A 4 14.25 2.56 -18.13
N PRO A 5 13.00 2.93 -17.77
CA PRO A 5 12.45 4.24 -18.18
C PRO A 5 12.99 5.41 -17.37
N PHE A 6 12.94 6.61 -17.97
CA PHE A 6 13.56 7.81 -17.37
C PHE A 6 13.03 8.16 -15.98
N TYR A 7 11.71 8.00 -15.77
CA TYR A 7 11.08 8.34 -14.47
C TYR A 7 11.42 7.37 -13.32
N LYS A 8 12.22 6.33 -13.58
CA LYS A 8 12.81 5.48 -12.52
C LYS A 8 14.31 5.76 -12.28
N LYS A 9 14.86 6.78 -12.95
CA LYS A 9 16.26 7.14 -12.77
C LYS A 9 16.37 8.44 -11.96
N ILE A 10 17.38 8.50 -11.10
CA ILE A 10 17.64 9.72 -10.29
C ILE A 10 18.91 10.43 -10.84
N PRO A 11 18.73 11.56 -11.52
CA PRO A 11 19.87 12.14 -12.25
C PRO A 11 20.96 12.68 -11.33
N GLY A 12 22.21 12.58 -11.77
CA GLY A 12 23.35 13.04 -10.97
C GLY A 12 23.77 12.07 -9.89
N THR A 13 23.19 10.86 -9.93
CA THR A 13 23.53 9.79 -9.02
C THR A 13 23.63 8.49 -9.84
N GLY A 14 24.18 7.47 -9.18
CA GLY A 14 24.12 6.11 -9.69
C GLY A 14 22.86 5.37 -9.23
N PHE A 15 21.77 6.08 -8.95
CA PHE A 15 20.60 5.42 -8.33
C PHE A 15 19.39 5.19 -9.25
N THR A 16 18.72 4.04 -9.07
CA THR A 16 17.39 3.82 -9.63
C THR A 16 16.42 3.52 -8.48
N VAL A 17 15.13 3.70 -8.78
CA VAL A 17 14.03 3.41 -7.83
C VAL A 17 13.05 2.42 -8.49
N ASP A 18 12.82 1.29 -7.82
CA ASP A 18 11.81 0.28 -8.26
C ASP A 18 12.09 -0.23 -9.68
N ALA A 19 13.36 -0.52 -9.93
CA ALA A 19 13.84 -0.84 -11.28
C ALA A 19 14.60 -2.19 -11.33
N PHE A 20 13.89 -3.28 -11.07
CA PHE A 20 14.48 -4.63 -10.97
C PHE A 20 14.14 -5.56 -12.17
N GLN A 21 13.33 -5.08 -13.12
CA GLN A 21 12.79 -5.93 -14.22
C GLN A 21 13.45 -5.64 -15.58
N TYR A 22 14.56 -4.90 -15.57
CA TYR A 22 15.21 -4.40 -16.77
C TYR A 22 16.64 -4.94 -16.94
N GLY A 23 16.97 -6.05 -16.26
CA GLY A 23 18.34 -6.54 -16.23
C GLY A 23 19.29 -5.63 -15.49
N VAL A 24 20.57 -5.70 -15.85
CA VAL A 24 21.59 -4.82 -15.27
C VAL A 24 21.42 -3.44 -15.89
N VAL A 25 21.11 -2.46 -15.06
CA VAL A 25 20.87 -1.09 -15.54
C VAL A 25 22.20 -0.37 -15.65
N GLU A 26 22.50 0.20 -16.81
CA GLU A 26 23.79 0.82 -17.09
C GLU A 26 24.04 2.00 -16.15
N GLY A 27 25.14 1.91 -15.40
CA GLY A 27 25.54 2.96 -14.48
C GLY A 27 24.94 2.87 -13.09
N CYS A 28 24.11 1.86 -12.81
CA CYS A 28 23.44 1.78 -11.52
C CYS A 28 24.31 1.09 -10.48
N THR A 29 24.71 1.85 -9.45
CA THR A 29 25.53 1.35 -8.33
C THR A 29 24.72 0.95 -7.07
N ALA A 30 23.45 1.37 -7.02
CA ALA A 30 22.56 1.05 -5.91
C ALA A 30 21.11 1.13 -6.39
N TYR A 31 20.36 0.08 -6.04
CA TYR A 31 18.95 -0.05 -6.41
C TYR A 31 18.08 0.18 -5.16
N PHE A 32 17.26 1.22 -5.17
CA PHE A 32 16.30 1.45 -4.08
C PHE A 32 14.97 0.72 -4.36
N LEU A 33 14.34 0.18 -3.30
CA LEU A 33 13.00 -0.43 -3.39
C LEU A 33 12.08 0.27 -2.38
N THR A 34 11.06 0.98 -2.87
CA THR A 34 10.18 1.76 -1.99
C THR A 34 9.28 0.88 -1.12
N HIS A 35 8.82 -0.26 -1.66
CA HIS A 35 7.87 -1.13 -0.94
C HIS A 35 7.73 -2.48 -1.60
N PHE A 36 7.24 -3.46 -0.83
CA PHE A 36 7.09 -4.86 -1.29
C PHE A 36 5.71 -5.12 -1.96
N HIS A 37 5.46 -4.46 -3.09
CA HIS A 37 4.34 -4.79 -3.99
C HIS A 37 4.92 -5.24 -5.33
N SER A 38 4.29 -6.24 -5.96
CA SER A 38 4.90 -7.00 -7.07
C SER A 38 5.25 -6.15 -8.30
N ASP A 39 4.44 -5.14 -8.65
CA ASP A 39 4.79 -4.27 -9.80
C ASP A 39 6.10 -3.52 -9.56
N HIS A 40 6.47 -3.33 -8.28
CA HIS A 40 7.66 -2.58 -7.90
C HIS A 40 8.89 -3.45 -7.69
N TYR A 41 8.73 -4.63 -7.08
CA TYR A 41 9.86 -5.57 -6.89
C TYR A 41 10.13 -6.51 -8.05
N ALA A 42 9.25 -6.50 -9.07
CA ALA A 42 9.35 -7.43 -10.22
C ALA A 42 10.79 -7.61 -10.70
N GLY A 43 11.30 -8.84 -10.65
CA GLY A 43 12.66 -9.17 -11.08
C GLY A 43 13.65 -9.59 -10.00
N LEU A 44 13.44 -9.17 -8.75
CA LEU A 44 14.28 -9.60 -7.61
C LEU A 44 14.13 -11.09 -7.26
N SER A 45 15.26 -11.74 -6.92
CA SER A 45 15.33 -13.16 -6.52
C SER A 45 16.64 -13.47 -5.74
N LYS A 46 16.83 -14.74 -5.37
CA LYS A 46 18.10 -15.20 -4.72
C LYS A 46 19.37 -14.99 -5.55
N HIS A 47 19.19 -14.74 -6.85
CA HIS A 47 20.31 -14.56 -7.77
C HIS A 47 20.75 -13.11 -7.93
N PHE A 48 20.04 -12.17 -7.27
CA PHE A 48 20.39 -10.75 -7.35
C PHE A 48 21.66 -10.48 -6.54
N THR A 49 22.65 -9.84 -7.17
CA THR A 49 23.96 -9.57 -6.52
C THR A 49 24.42 -8.10 -6.51
N PHE A 50 23.50 -7.13 -6.61
CA PHE A 50 23.82 -5.70 -6.42
C PHE A 50 23.20 -5.23 -5.09
N PRO A 51 23.72 -4.12 -4.50
CA PRO A 51 23.15 -3.59 -3.25
C PRO A 51 21.70 -3.08 -3.42
N VAL A 52 20.82 -3.50 -2.50
CA VAL A 52 19.41 -3.04 -2.45
C VAL A 52 19.22 -2.24 -1.17
N TYR A 53 18.71 -1.01 -1.30
CA TYR A 53 18.44 -0.14 -0.15
C TYR A 53 16.92 -0.02 0.03
N CYS A 54 16.48 -0.14 1.28
CA CYS A 54 15.03 -0.26 1.61
C CYS A 54 14.81 -0.13 3.12
N SER A 55 13.55 -0.14 3.57
CA SER A 55 13.23 -0.20 5.01
C SER A 55 13.56 -1.57 5.62
N GLU A 56 13.60 -1.62 6.95
CA GLU A 56 13.78 -2.89 7.69
C GLU A 56 12.69 -3.92 7.32
N ILE A 57 11.43 -3.51 7.31
CA ILE A 57 10.32 -4.43 6.98
C ILE A 57 10.45 -4.95 5.55
N THR A 58 10.72 -4.05 4.59
CA THR A 58 10.93 -4.52 3.20
C THR A 58 12.09 -5.53 3.13
N GLY A 59 13.17 -5.24 3.87
CA GLY A 59 14.30 -6.16 3.93
C GLY A 59 13.95 -7.54 4.49
N ASN A 60 13.11 -7.59 5.52
CA ASN A 60 12.62 -8.88 6.08
C ASN A 60 11.88 -9.69 5.02
N LEU A 61 11.07 -9.01 4.21
CA LEU A 61 10.31 -9.67 3.14
C LEU A 61 11.22 -10.16 1.99
N LEU A 62 12.19 -9.33 1.59
CA LEU A 62 13.18 -9.73 0.59
C LEU A 62 13.92 -11.02 1.01
N LYS A 63 14.37 -11.06 2.25
CA LYS A 63 15.12 -12.21 2.79
C LYS A 63 14.26 -13.48 2.86
N ASN A 64 13.07 -13.37 3.43
CA ASN A 64 12.26 -14.57 3.74
C ASN A 64 11.31 -15.03 2.61
N LYS A 65 10.75 -14.08 1.85
CA LYS A 65 9.82 -14.40 0.76
C LYS A 65 10.47 -14.59 -0.62
N LEU A 66 11.43 -13.74 -0.98
CA LEU A 66 12.16 -13.83 -2.27
C LEU A 66 13.55 -14.47 -2.19
N HIS A 67 13.99 -14.81 -0.97
N HIS A 67 14.02 -14.74 -0.98
CA HIS A 67 15.32 -15.39 -0.65
CA HIS A 67 15.26 -15.46 -0.76
C HIS A 67 16.52 -14.65 -1.20
C HIS A 67 16.51 -14.67 -1.23
N VAL A 68 16.46 -13.33 -1.17
CA VAL A 68 17.61 -12.47 -1.51
C VAL A 68 18.65 -12.69 -0.40
N GLN A 69 19.92 -12.82 -0.78
CA GLN A 69 20.98 -13.06 0.19
C GLN A 69 21.21 -11.84 1.06
N GLU A 70 21.43 -12.11 2.35
CA GLU A 70 21.58 -11.09 3.38
C GLU A 70 22.68 -10.07 3.10
N GLN A 71 23.78 -10.49 2.45
CA GLN A 71 24.90 -9.59 2.10
C GLN A 71 24.57 -8.44 1.15
N TYR A 72 23.47 -8.55 0.40
CA TYR A 72 23.04 -7.50 -0.54
C TYR A 72 21.88 -6.64 -0.05
N ILE A 73 21.29 -6.98 1.10
CA ILE A 73 20.16 -6.21 1.67
C ILE A 73 20.69 -5.13 2.63
N HIS A 74 20.42 -3.85 2.32
CA HIS A 74 20.86 -2.71 3.13
C HIS A 74 19.65 -1.97 3.72
N PRO A 75 19.15 -2.43 4.89
CA PRO A 75 18.04 -1.72 5.52
C PRO A 75 18.53 -0.39 6.11
N LEU A 76 17.72 0.66 5.98
CA LEU A 76 17.97 1.97 6.60
C LEU A 76 16.86 2.34 7.57
N PRO A 77 17.21 2.96 8.71
CA PRO A 77 16.18 3.48 9.60
C PRO A 77 15.41 4.66 8.98
N LEU A 78 14.18 4.87 9.41
CA LEU A 78 13.39 6.03 8.98
C LEU A 78 13.83 7.30 9.71
N ASP A 79 13.52 8.43 9.08
CA ASP A 79 13.68 9.76 9.68
C ASP A 79 15.12 10.07 10.11
N THR A 80 16.09 9.51 9.37
CA THR A 80 17.52 9.55 9.75
C THR A 80 18.39 9.87 8.50
N GLU A 81 19.19 10.93 8.53
CA GLU A 81 20.11 11.24 7.42
C GLU A 81 21.18 10.13 7.33
N CYS A 82 21.27 9.51 6.14
CA CYS A 82 22.21 8.42 5.85
C CYS A 82 23.02 8.80 4.62
N ILE A 83 24.30 8.42 4.55
CA ILE A 83 25.11 8.62 3.34
C ILE A 83 25.22 7.27 2.60
N VAL A 84 24.80 7.26 1.33
CA VAL A 84 24.87 6.08 0.47
C VAL A 84 25.68 6.44 -0.77
N ASN A 85 26.78 5.73 -1.02
CA ASN A 85 27.65 5.98 -2.18
C ASN A 85 27.90 7.49 -2.35
N GLY A 86 28.21 8.14 -1.24
CA GLY A 86 28.55 9.57 -1.21
C GLY A 86 27.44 10.59 -1.35
N VAL A 87 26.17 10.15 -1.23
CA VAL A 87 24.99 11.02 -1.39
C VAL A 87 24.11 10.89 -0.13
N LYS A 88 23.72 12.03 0.45
CA LYS A 88 22.81 12.02 1.62
C LYS A 88 21.37 11.66 1.17
N VAL A 89 20.76 10.70 1.88
CA VAL A 89 19.38 10.25 1.66
C VAL A 89 18.64 10.16 3.00
N VAL A 90 17.30 10.25 2.93
CA VAL A 90 16.39 10.05 4.07
C VAL A 90 15.20 9.20 3.59
N LEU A 91 14.83 8.20 4.39
CA LEU A 91 13.57 7.45 4.17
C LEU A 91 12.50 7.98 5.10
N LEU A 92 11.30 8.22 4.55
CA LEU A 92 10.13 8.73 5.30
C LEU A 92 8.94 7.75 5.16
N ASP A 93 8.11 7.60 6.19
CA ASP A 93 6.93 6.75 6.07
C ASP A 93 5.98 7.27 4.97
N ALA A 94 5.59 6.37 4.07
CA ALA A 94 4.70 6.72 2.94
C ALA A 94 3.20 6.59 3.25
N ASN A 95 2.82 6.10 4.43
CA ASN A 95 1.39 5.83 4.74
C ASN A 95 0.71 5.03 3.60
N HIS A 96 1.41 3.97 3.18
CA HIS A 96 0.90 3.02 2.15
C HIS A 96 0.74 1.66 2.85
N CYS A 97 1.50 0.64 2.49
CA CYS A 97 1.48 -0.67 3.13
C CYS A 97 2.65 -0.76 4.13
N PRO A 98 2.71 -1.84 4.95
CA PRO A 98 3.82 -1.93 5.90
C PRO A 98 5.20 -1.90 5.21
N GLY A 99 6.13 -1.10 5.76
CA GLY A 99 7.47 -0.95 5.21
C GLY A 99 7.64 0.01 4.03
N ALA A 100 6.54 0.61 3.57
CA ALA A 100 6.59 1.50 2.42
C ALA A 100 7.19 2.84 2.79
N VAL A 101 8.07 3.33 1.93
CA VAL A 101 8.76 4.61 2.15
C VAL A 101 8.73 5.58 0.97
N MET A 102 8.87 6.88 1.27
CA MET A 102 9.28 7.92 0.34
C MET A 102 10.80 8.12 0.55
N ILE A 103 11.49 8.60 -0.50
CA ILE A 103 12.94 8.78 -0.45
C ILE A 103 13.28 10.24 -0.83
N LEU A 104 14.02 10.91 0.08
CA LEU A 104 14.57 12.26 -0.14
C LEU A 104 16.04 12.09 -0.54
N PHE A 105 16.41 12.66 -1.69
CA PHE A 105 17.80 12.61 -2.19
C PHE A 105 18.37 14.04 -2.22
N TYR A 106 19.52 14.23 -1.57
CA TYR A 106 20.21 15.54 -1.54
C TYR A 106 21.36 15.46 -2.57
N LEU A 107 21.14 15.92 -3.80
CA LEU A 107 22.13 15.73 -4.87
C LEU A 107 23.41 16.54 -4.62
N PRO A 108 24.56 16.04 -5.12
CA PRO A 108 25.81 16.78 -4.95
C PRO A 108 25.75 18.24 -5.41
N ASN A 109 25.02 18.51 -6.49
CA ASN A 109 24.90 19.87 -7.05
C ASN A 109 23.96 20.86 -6.30
N GLY A 110 23.33 20.42 -5.20
CA GLY A 110 22.41 21.25 -4.41
C GLY A 110 20.92 21.02 -4.70
N THR A 111 20.62 20.28 -5.76
CA THR A 111 19.24 19.88 -6.09
C THR A 111 18.71 18.91 -5.00
N VAL A 112 17.42 19.01 -4.70
CA VAL A 112 16.73 18.13 -3.71
C VAL A 112 15.54 17.48 -4.42
N ILE A 113 15.50 16.15 -4.37
CA ILE A 113 14.45 15.36 -5.03
C ILE A 113 13.69 14.53 -3.98
N LEU A 114 12.34 14.57 -4.06
CA LEU A 114 11.50 13.66 -3.29
C LEU A 114 10.83 12.65 -4.23
N HIS A 115 11.03 11.37 -3.94
CA HIS A 115 10.32 10.29 -4.65
C HIS A 115 9.29 9.71 -3.68
N THR A 116 8.00 9.84 -3.99
CA THR A 116 6.96 9.42 -3.01
C THR A 116 6.74 7.89 -2.95
N GLY A 117 7.32 7.13 -3.88
CA GLY A 117 6.90 5.74 -4.11
C GLY A 117 5.39 5.73 -4.26
N ASP A 118 4.74 4.71 -3.71
CA ASP A 118 3.28 4.74 -3.54
C ASP A 118 3.00 5.37 -2.16
N PHE A 119 2.03 6.30 -2.09
CA PHE A 119 1.70 6.97 -0.80
C PHE A 119 0.23 7.34 -0.68
N ARG A 120 -0.23 7.50 0.56
CA ARG A 120 -1.50 8.19 0.84
C ARG A 120 -1.17 9.47 1.64
N ALA A 121 -1.14 10.58 0.92
CA ALA A 121 -0.80 11.88 1.49
C ALA A 121 -1.62 12.18 2.72
N ASP A 122 -0.96 12.73 3.75
CA ASP A 122 -1.62 13.10 4.99
C ASP A 122 -1.04 14.41 5.53
N PRO A 123 -1.85 15.24 6.22
CA PRO A 123 -1.30 16.47 6.85
C PRO A 123 -0.12 16.24 7.83
N SER A 124 -0.05 15.08 8.47
CA SER A 124 1.09 14.75 9.34
C SER A 124 2.44 14.81 8.61
N MET A 125 2.45 14.59 7.28
CA MET A 125 3.69 14.73 6.50
C MET A 125 4.26 16.15 6.44
N GLU A 126 3.41 17.14 6.71
CA GLU A 126 3.81 18.56 6.75
C GLU A 126 4.71 18.87 7.96
N ARG A 127 4.82 17.91 8.91
CA ARG A 127 5.70 18.01 10.09
C ARG A 127 6.74 16.89 10.20
N SER A 128 7.02 16.26 9.06
CA SER A 128 8.18 15.38 8.94
C SER A 128 9.44 16.24 8.70
N LEU A 129 10.57 15.58 8.42
CA LEU A 129 11.79 16.24 7.92
C LEU A 129 11.59 17.05 6.60
N LEU A 130 10.44 16.92 5.92
CA LEU A 130 10.10 17.81 4.80
C LEU A 130 9.87 19.29 5.13
N ALA A 131 9.57 19.60 6.39
CA ALA A 131 9.16 20.96 6.79
C ALA A 131 10.22 22.01 6.45
N ASP A 132 11.44 21.68 6.80
CA ASP A 132 12.62 22.45 6.44
C ASP A 132 12.60 23.01 5.01
N GLN A 133 12.74 22.13 4.00
CA GLN A 133 13.48 22.60 2.85
C GLN A 133 12.82 22.40 1.52
N LYS A 134 13.47 23.02 0.57
CA LYS A 134 13.00 23.17 -0.76
C LYS A 134 13.18 21.85 -1.44
N VAL A 135 12.21 21.49 -2.28
CA VAL A 135 12.28 20.31 -3.15
C VAL A 135 12.18 20.82 -4.59
N HIS A 136 13.18 20.51 -5.41
CA HIS A 136 13.23 20.95 -6.80
C HIS A 136 12.43 20.04 -7.72
N MET A 137 12.48 18.73 -7.47
CA MET A 137 11.77 17.75 -8.30
C MET A 137 11.00 16.76 -7.43
N LEU A 138 9.72 16.54 -7.77
CA LEU A 138 8.82 15.60 -7.07
C LEU A 138 8.42 14.48 -8.04
N TYR A 139 8.74 13.23 -7.69
CA TYR A 139 8.34 12.06 -8.47
C TYR A 139 7.10 11.51 -7.73
N LEU A 140 5.92 11.76 -8.32
CA LEU A 140 4.64 11.70 -7.62
C LEU A 140 3.75 10.50 -7.98
N ASP A 141 3.27 9.78 -6.95
CA ASP A 141 2.23 8.74 -7.12
C ASP A 141 0.90 9.43 -7.48
N THR A 142 0.58 9.39 -8.78
CA THR A 142 -0.59 10.03 -9.37
C THR A 142 -1.74 9.04 -9.64
N THR A 143 -1.78 7.90 -8.92
CA THR A 143 -2.82 6.88 -9.11
C THR A 143 -4.24 7.47 -9.28
N TYR A 144 -4.63 8.36 -8.35
CA TYR A 144 -5.98 8.94 -8.36
C TYR A 144 -5.99 10.47 -8.61
N CYS A 145 -5.18 10.92 -9.59
CA CYS A 145 -5.09 12.33 -9.94
C CYS A 145 -6.23 12.82 -10.87
N SER A 146 -7.46 12.80 -10.36
CA SER A 146 -8.64 13.39 -11.03
C SER A 146 -9.73 13.61 -9.97
N PRO A 147 -10.49 14.71 -10.07
CA PRO A 147 -11.41 15.05 -8.96
C PRO A 147 -12.57 14.07 -8.72
N GLU A 148 -12.87 13.21 -9.72
CA GLU A 148 -13.85 12.15 -9.50
C GLU A 148 -13.45 11.12 -8.47
N TYR A 149 -12.15 11.04 -8.13
CA TYR A 149 -11.67 10.05 -7.21
C TYR A 149 -11.79 10.54 -5.77
N THR A 150 -12.91 10.16 -5.17
CA THR A 150 -13.26 10.42 -3.77
C THR A 150 -13.45 9.09 -3.04
N PHE A 151 -13.11 9.08 -1.76
CA PHE A 151 -13.35 7.94 -0.88
C PHE A 151 -13.23 8.40 0.61
N PRO A 152 -13.77 7.62 1.56
CA PRO A 152 -13.71 8.03 2.97
C PRO A 152 -12.32 7.85 3.60
N SER A 153 -12.18 8.34 4.82
CA SER A 153 -10.97 8.06 5.62
C SER A 153 -10.89 6.55 5.91
N GLN A 154 -9.68 6.06 6.13
CA GLN A 154 -9.50 4.68 6.60
C GLN A 154 -10.25 4.41 7.91
N GLN A 155 -10.24 5.39 8.83
CA GLN A 155 -10.95 5.26 10.12
C GLN A 155 -12.44 5.02 9.92
N GLU A 156 -13.08 5.80 9.02
CA GLU A 156 -14.52 5.65 8.74
C GLU A 156 -14.83 4.24 8.16
N VAL A 157 -13.96 3.75 7.27
CA VAL A 157 -14.18 2.44 6.66
C VAL A 157 -14.03 1.31 7.68
N ILE A 158 -13.06 1.44 8.58
CA ILE A 158 -12.88 0.45 9.65
C ILE A 158 -14.06 0.46 10.64
N ARG A 159 -14.56 1.65 10.99
CA ARG A 159 -15.77 1.76 11.85
C ARG A 159 -16.93 0.97 11.22
N PHE A 160 -17.15 1.16 9.92
CA PHE A 160 -18.20 0.42 9.21
C PHE A 160 -17.99 -1.10 9.27
N ALA A 161 -16.77 -1.54 9.00
CA ALA A 161 -16.46 -2.98 8.98
C ALA A 161 -16.66 -3.63 10.38
N ILE A 162 -16.12 -2.99 11.42
CA ILE A 162 -16.24 -3.47 12.81
C ILE A 162 -17.75 -3.59 13.21
N ASN A 163 -18.49 -2.53 12.95
CA ASN A 163 -19.92 -2.47 13.36
C ASN A 163 -20.73 -3.53 12.61
N THR A 164 -20.47 -3.66 11.30
CA THR A 164 -21.13 -4.67 10.46
C THR A 164 -20.85 -6.10 10.91
N ALA A 165 -19.58 -6.42 11.17
CA ALA A 165 -19.18 -7.76 11.60
C ALA A 165 -19.74 -8.10 13.01
N PHE A 166 -19.59 -7.15 13.94
CA PHE A 166 -20.06 -7.34 15.32
C PHE A 166 -21.58 -7.55 15.34
N GLU A 167 -22.34 -6.74 14.58
CA GLU A 167 -23.81 -6.93 14.54
C GLU A 167 -24.16 -8.34 14.01
N ALA A 168 -23.56 -8.74 12.89
CA ALA A 168 -23.88 -10.02 12.25
C ALA A 168 -23.61 -11.24 13.16
N VAL A 169 -22.47 -11.25 13.83
CA VAL A 169 -22.08 -12.39 14.66
C VAL A 169 -22.80 -12.41 16.03
N THR A 170 -23.19 -11.24 16.53
CA THR A 170 -24.02 -11.15 17.75
C THR A 170 -25.45 -11.63 17.48
N LEU A 171 -26.00 -11.26 16.32
CA LEU A 171 -27.30 -11.83 15.88
C LEU A 171 -27.23 -13.35 15.62
N ASN A 172 -26.13 -13.79 14.99
CA ASN A 172 -25.89 -15.20 14.68
C ASN A 172 -24.49 -15.68 15.10
N PRO A 173 -24.35 -16.22 16.32
CA PRO A 173 -23.06 -16.78 16.79
C PRO A 173 -22.42 -17.87 15.90
N HIS A 174 -23.21 -18.48 15.01
CA HIS A 174 -22.70 -19.45 14.02
C HIS A 174 -22.31 -18.89 12.62
N ALA A 175 -22.20 -17.58 12.49
CA ALA A 175 -21.65 -16.96 11.26
C ALA A 175 -20.11 -16.93 11.27
N LEU A 176 -19.55 -17.13 10.08
CA LEU A 176 -18.10 -16.97 9.79
C LEU A 176 -17.86 -15.68 9.06
N VAL A 177 -16.81 -14.95 9.45
CA VAL A 177 -16.35 -13.78 8.68
C VAL A 177 -15.14 -14.14 7.82
N VAL A 178 -15.18 -13.75 6.55
CA VAL A 178 -14.05 -13.95 5.59
C VAL A 178 -13.58 -12.61 5.03
N CYS A 179 -12.26 -12.42 4.94
N CYS A 179 -12.27 -12.40 4.96
CA CYS A 179 -11.65 -11.22 4.33
CA CYS A 179 -11.68 -11.22 4.32
C CYS A 179 -10.69 -11.61 3.22
C CYS A 179 -10.77 -11.67 3.18
N GLY A 180 -10.83 -10.96 2.06
CA GLY A 180 -9.92 -11.21 0.91
C GLY A 180 -8.61 -10.44 0.98
N THR A 181 -7.53 -11.07 0.48
CA THR A 181 -6.19 -10.44 0.36
C THR A 181 -5.42 -10.96 -0.87
N TYR A 182 -4.57 -10.13 -1.50
CA TYR A 182 -3.66 -10.60 -2.58
C TYR A 182 -2.23 -10.03 -2.52
N SER A 183 -1.93 -9.32 -1.44
CA SER A 183 -0.69 -8.61 -1.23
C SER A 183 -0.65 -8.12 0.21
N ILE A 184 0.49 -7.58 0.63
CA ILE A 184 0.55 -6.87 1.89
C ILE A 184 -0.19 -5.53 1.73
N GLY A 185 -0.54 -4.94 2.86
CA GLY A 185 -1.39 -3.75 2.93
C GLY A 185 -2.78 -4.09 3.42
N LYS A 186 -3.43 -3.10 4.06
CA LYS A 186 -4.85 -3.17 4.47
C LYS A 186 -5.08 -4.20 5.59
N GLU A 187 -4.02 -4.53 6.33
CA GLU A 187 -4.12 -5.48 7.45
C GLU A 187 -5.11 -5.03 8.55
N LYS A 188 -5.26 -3.71 8.74
CA LYS A 188 -6.21 -3.19 9.74
C LYS A 188 -7.62 -3.74 9.53
N VAL A 189 -8.03 -3.99 8.27
CA VAL A 189 -9.40 -4.51 8.03
C VAL A 189 -9.66 -5.81 8.83
N PHE A 190 -8.83 -6.82 8.60
CA PHE A 190 -9.01 -8.09 9.27
C PHE A 190 -8.59 -8.10 10.75
N LEU A 191 -7.58 -7.30 11.10
CA LEU A 191 -7.17 -7.21 12.51
C LEU A 191 -8.24 -6.55 13.40
N ALA A 192 -8.84 -5.46 12.91
CA ALA A 192 -9.90 -4.78 13.67
C ALA A 192 -11.15 -5.64 13.85
N ILE A 193 -11.54 -6.37 12.81
CA ILE A 193 -12.72 -7.25 12.91
C ILE A 193 -12.45 -8.37 13.92
N ALA A 194 -11.30 -9.02 13.83
CA ALA A 194 -10.97 -10.11 14.77
C ALA A 194 -10.93 -9.64 16.24
N ASP A 195 -10.40 -8.44 16.42
CA ASP A 195 -10.29 -7.84 17.76
C ASP A 195 -11.69 -7.63 18.41
N VAL A 196 -12.64 -7.07 17.65
CA VAL A 196 -14.00 -6.86 18.19
C VAL A 196 -14.74 -8.17 18.48
N LEU A 197 -14.44 -9.22 17.71
CA LEU A 197 -15.06 -10.54 17.87
C LEU A 197 -14.35 -11.47 18.88
N GLY A 198 -13.22 -11.04 19.43
CA GLY A 198 -12.47 -11.91 20.36
C GLY A 198 -11.88 -13.17 19.74
N SER A 199 -11.41 -13.04 18.49
CA SER A 199 -10.90 -14.16 17.70
C SER A 199 -9.51 -13.82 17.16
N LYS A 200 -8.74 -14.87 16.89
CA LYS A 200 -7.54 -14.74 16.06
C LYS A 200 -7.97 -14.85 14.60
N VAL A 201 -7.11 -14.34 13.71
CA VAL A 201 -7.31 -14.43 12.27
C VAL A 201 -6.62 -15.68 11.73
N GLY A 202 -7.39 -16.59 11.14
CA GLY A 202 -6.89 -17.82 10.52
C GLY A 202 -6.53 -17.67 9.06
N MET A 203 -5.42 -18.28 8.66
CA MET A 203 -4.86 -18.10 7.31
C MET A 203 -3.92 -19.24 6.94
N SER A 204 -3.56 -19.29 5.64
CA SER A 204 -2.56 -20.24 5.14
C SER A 204 -1.17 -20.07 5.77
N GLN A 205 -0.36 -21.11 5.68
CA GLN A 205 1.03 -21.01 6.12
C GLN A 205 1.80 -19.89 5.36
N GLU A 206 1.58 -19.79 4.05
CA GLU A 206 2.25 -18.76 3.22
C GLU A 206 1.91 -17.33 3.68
N LYS A 207 0.61 -17.07 3.91
CA LYS A 207 0.21 -15.75 4.39
C LYS A 207 0.70 -15.45 5.83
N TYR A 208 0.66 -16.47 6.70
CA TYR A 208 1.20 -16.35 8.07
C TYR A 208 2.69 -15.90 8.02
N LYS A 209 3.48 -16.55 7.15
CA LYS A 209 4.92 -16.24 6.98
C LYS A 209 5.09 -14.76 6.61
N THR A 210 4.30 -14.29 5.65
CA THR A 210 4.32 -12.88 5.22
C THR A 210 4.07 -11.93 6.38
N LEU A 211 3.00 -12.18 7.14
CA LEU A 211 2.67 -11.29 8.27
C LEU A 211 3.73 -11.31 9.38
N GLN A 212 4.40 -12.44 9.56
CA GLN A 212 5.51 -12.53 10.55
C GLN A 212 6.72 -11.62 10.24
N CYS A 213 6.83 -11.16 8.99
CA CYS A 213 7.90 -10.22 8.55
C CYS A 213 7.64 -8.71 8.80
N LEU A 214 6.44 -8.35 9.26
CA LEU A 214 5.99 -6.95 9.29
C LEU A 214 6.15 -6.08 10.57
N ASN A 215 6.85 -6.58 11.57
CA ASN A 215 7.02 -5.89 12.87
C ASN A 215 5.74 -5.31 13.52
N ILE A 216 4.62 -6.02 13.41
CA ILE A 216 3.36 -5.58 14.04
C ILE A 216 3.40 -6.01 15.50
N PRO A 217 3.28 -5.04 16.44
CA PRO A 217 3.25 -5.36 17.87
C PRO A 217 2.22 -6.41 18.26
N GLU A 218 2.62 -7.32 19.13
CA GLU A 218 1.76 -8.39 19.67
C GLU A 218 1.13 -9.29 18.59
N ILE A 219 1.79 -9.44 17.44
CA ILE A 219 1.25 -10.23 16.30
C ILE A 219 0.91 -11.68 16.68
N ASN A 220 1.74 -12.32 17.50
CA ASN A 220 1.49 -13.72 17.90
C ASN A 220 0.14 -13.89 18.61
N SER A 221 -0.33 -12.84 19.28
CA SER A 221 -1.65 -12.82 19.92
C SER A 221 -2.82 -12.64 18.94
N LEU A 222 -2.55 -12.26 17.69
CA LEU A 222 -3.62 -11.89 16.72
C LEU A 222 -3.88 -12.83 15.51
N ILE A 223 -2.91 -13.65 15.12
CA ILE A 223 -2.98 -14.48 13.91
C ILE A 223 -2.66 -15.94 14.20
N THR A 224 -3.10 -16.83 13.32
CA THR A 224 -2.90 -18.28 13.50
C THR A 224 -3.03 -19.06 12.19
N THR A 225 -2.41 -20.23 12.14
CA THR A 225 -2.64 -21.19 11.05
C THR A 225 -3.71 -22.25 11.39
N ASP A 226 -4.18 -22.27 12.63
CA ASP A 226 -5.23 -23.21 13.05
C ASP A 226 -6.60 -22.62 12.72
N MET A 227 -7.09 -22.96 11.53
CA MET A 227 -8.36 -22.44 11.00
C MET A 227 -9.55 -22.74 11.90
N CYS A 228 -9.56 -23.95 12.47
CA CYS A 228 -10.68 -24.39 13.33
C CYS A 228 -10.82 -23.58 14.62
N SER A 229 -9.72 -23.00 15.10
CA SER A 229 -9.75 -22.15 16.29
C SER A 229 -10.26 -20.70 16.05
N SER A 230 -10.50 -20.33 14.79
CA SER A 230 -10.74 -18.94 14.39
C SER A 230 -12.10 -18.77 13.69
N LEU A 231 -12.79 -17.66 13.91
CA LEU A 231 -13.99 -17.31 13.11
C LEU A 231 -13.83 -16.06 12.24
N VAL A 232 -12.58 -15.63 12.05
CA VAL A 232 -12.24 -14.68 10.98
C VAL A 232 -11.17 -15.36 10.13
N HIS A 233 -11.51 -15.69 8.87
CA HIS A 233 -10.58 -16.35 7.93
C HIS A 233 -10.13 -15.41 6.81
N LEU A 234 -8.85 -15.52 6.44
CA LEU A 234 -8.31 -14.84 5.25
C LEU A 234 -8.22 -15.79 4.09
N LEU A 235 -8.71 -15.35 2.94
CA LEU A 235 -8.58 -16.10 1.69
C LEU A 235 -8.03 -15.20 0.57
N PRO A 236 -7.45 -15.82 -0.47
CA PRO A 236 -7.11 -15.04 -1.67
C PRO A 236 -8.29 -14.24 -2.23
N MET A 237 -8.01 -13.05 -2.72
CA MET A 237 -9.05 -12.13 -3.24
C MET A 237 -9.91 -12.79 -4.34
N MET A 238 -9.26 -13.61 -5.17
CA MET A 238 -9.94 -14.36 -6.24
C MET A 238 -11.01 -15.34 -5.79
N GLN A 239 -10.96 -15.78 -4.52
CA GLN A 239 -11.97 -16.67 -3.96
C GLN A 239 -13.17 -15.92 -3.35
N ILE A 240 -13.13 -14.60 -3.28
CA ILE A 240 -14.23 -13.85 -2.67
C ILE A 240 -15.34 -13.62 -3.72
N ASN A 241 -16.12 -14.68 -3.91
CA ASN A 241 -17.27 -14.72 -4.84
C ASN A 241 -18.18 -15.85 -4.36
N PHE A 242 -19.43 -15.89 -4.81
CA PHE A 242 -20.38 -16.86 -4.26
C PHE A 242 -19.91 -18.33 -4.41
N LYS A 243 -19.33 -18.70 -5.55
CA LYS A 243 -18.81 -20.07 -5.76
C LYS A 243 -17.68 -20.40 -4.78
N GLY A 244 -16.67 -19.52 -4.69
CA GLY A 244 -15.53 -19.75 -3.82
C GLY A 244 -15.89 -19.81 -2.34
N LEU A 245 -16.85 -18.98 -1.94
CA LEU A 245 -17.29 -18.92 -0.54
C LEU A 245 -18.17 -20.13 -0.18
N GLN A 246 -19.04 -20.55 -1.10
CA GLN A 246 -19.81 -21.80 -0.96
C GLN A 246 -18.89 -23.01 -0.74
N SER A 247 -17.85 -23.09 -1.57
CA SER A 247 -16.84 -24.14 -1.47
C SER A 247 -16.09 -24.09 -0.13
N HIS A 248 -15.70 -22.89 0.32
CA HIS A 248 -15.04 -22.76 1.62
C HIS A 248 -15.93 -23.20 2.80
N LEU A 249 -17.22 -22.85 2.75
CA LEU A 249 -18.15 -23.18 3.84
C LEU A 249 -18.29 -24.71 4.03
N LYS A 250 -18.27 -25.45 2.93
CA LYS A 250 -18.28 -26.93 2.98
C LYS A 250 -17.14 -27.50 3.83
N LYS A 251 -15.94 -26.91 3.69
CA LYS A 251 -14.75 -27.38 4.37
C LYS A 251 -14.73 -27.19 5.89
N CYS A 252 -15.63 -26.36 6.42
CA CYS A 252 -15.62 -26.02 7.85
C CYS A 252 -16.37 -27.02 8.75
N GLY A 253 -16.83 -28.15 8.20
CA GLY A 253 -17.34 -29.27 8.99
C GLY A 253 -18.59 -28.99 9.82
N GLY A 254 -19.51 -28.17 9.28
CA GLY A 254 -20.78 -27.87 9.97
C GLY A 254 -20.65 -27.02 11.22
N LYS A 255 -19.58 -26.26 11.33
CA LYS A 255 -19.39 -25.32 12.42
C LYS A 255 -20.20 -24.03 12.19
N TYR A 256 -20.41 -23.70 10.90
CA TYR A 256 -21.01 -22.43 10.48
C TYR A 256 -22.19 -22.61 9.54
N ASN A 257 -23.12 -21.66 9.58
CA ASN A 257 -24.32 -21.68 8.70
C ASN A 257 -24.58 -20.37 7.93
N GLN A 258 -23.57 -19.48 7.92
CA GLN A 258 -23.63 -18.15 7.27
C GLN A 258 -22.19 -17.65 7.05
N ILE A 259 -21.96 -16.95 5.93
CA ILE A 259 -20.70 -16.18 5.68
C ILE A 259 -20.99 -14.73 5.39
N LEU A 260 -20.27 -13.86 6.12
CA LEU A 260 -20.17 -12.44 5.84
C LEU A 260 -18.74 -12.22 5.31
N ALA A 261 -18.60 -11.76 4.07
CA ALA A 261 -17.26 -11.53 3.46
C ALA A 261 -17.02 -10.06 3.09
N PHE A 262 -15.75 -9.65 3.22
CA PHE A 262 -15.29 -8.31 2.83
C PHE A 262 -14.24 -8.35 1.71
N ARG A 263 -14.42 -7.51 0.69
CA ARG A 263 -13.49 -7.30 -0.43
C ARG A 263 -13.00 -5.87 -0.33
N PRO A 264 -11.82 -5.69 0.28
CA PRO A 264 -11.27 -4.37 0.25
C PRO A 264 -10.80 -4.13 -1.20
N THR A 265 -11.30 -3.05 -1.75
CA THR A 265 -10.90 -2.54 -3.05
C THR A 265 -10.25 -1.20 -2.82
N GLY A 266 -9.80 -0.58 -3.92
CA GLY A 266 -9.58 0.84 -3.91
C GLY A 266 -10.89 1.54 -4.27
N TRP A 267 -10.76 2.63 -4.98
CA TRP A 267 -11.91 3.31 -5.55
C TRP A 267 -12.70 2.40 -6.50
N THR A 268 -14.03 2.51 -6.46
CA THR A 268 -14.91 1.95 -7.50
C THR A 268 -15.96 3.02 -7.84
N HIS A 269 -16.58 2.92 -9.01
CA HIS A 269 -17.67 3.85 -9.44
C HIS A 269 -18.83 4.00 -8.43
N SER A 270 -19.14 2.98 -7.65
CA SER A 270 -20.12 3.17 -6.52
C SER A 270 -19.74 4.25 -5.45
N ASN A 271 -18.46 4.63 -5.33
CA ASN A 271 -18.07 5.81 -4.50
C ASN A 271 -18.62 7.13 -4.99
N LYS A 272 -18.96 7.21 -6.28
CA LYS A 272 -19.58 8.40 -6.83
C LYS A 272 -20.86 8.74 -6.07
N PHE A 273 -21.65 7.72 -5.73
CA PHE A 273 -23.04 7.95 -5.27
C PHE A 273 -23.44 7.38 -3.91
N THR A 274 -22.59 6.55 -3.30
CA THR A 274 -22.92 5.85 -2.06
C THR A 274 -21.99 6.25 -0.92
N ARG A 275 -22.54 6.89 0.11
CA ARG A 275 -21.82 7.16 1.36
C ARG A 275 -21.51 5.86 2.08
N ILE A 276 -20.39 5.82 2.79
CA ILE A 276 -19.91 4.58 3.46
C ILE A 276 -20.99 3.96 4.36
N ALA A 277 -21.70 4.79 5.12
CA ALA A 277 -22.80 4.33 5.99
C ALA A 277 -23.93 3.60 5.24
N ASP A 278 -24.15 3.97 3.97
CA ASP A 278 -25.25 3.45 3.15
C ASP A 278 -24.87 2.22 2.31
N VAL A 279 -23.61 1.78 2.39
CA VAL A 279 -23.14 0.62 1.63
C VAL A 279 -23.92 -0.64 2.03
N ILE A 280 -24.33 -1.40 1.01
CA ILE A 280 -25.05 -2.65 1.16
C ILE A 280 -24.31 -3.76 0.40
N PRO A 281 -24.50 -5.03 0.81
CA PRO A 281 -23.81 -6.14 0.17
C PRO A 281 -24.52 -6.75 -1.04
N GLN A 282 -23.79 -7.57 -1.79
CA GLN A 282 -24.41 -8.54 -2.72
C GLN A 282 -24.71 -9.81 -1.93
N THR A 283 -25.91 -10.35 -2.08
CA THR A 283 -26.32 -11.51 -1.28
C THR A 283 -26.91 -12.62 -2.15
N LYS A 284 -26.55 -13.86 -1.81
CA LYS A 284 -27.14 -15.06 -2.41
C LYS A 284 -27.27 -16.12 -1.30
N GLY A 285 -28.50 -16.43 -0.90
CA GLY A 285 -28.75 -17.37 0.18
C GLY A 285 -28.08 -16.91 1.46
N ASN A 286 -27.25 -17.79 2.04
CA ASN A 286 -26.60 -17.51 3.34
C ASN A 286 -25.20 -16.86 3.25
N ILE A 287 -24.91 -16.24 2.09
CA ILE A 287 -23.62 -15.57 1.82
C ILE A 287 -23.87 -14.13 1.41
N SER A 288 -23.19 -13.20 2.08
CA SER A 288 -23.20 -11.78 1.74
C SER A 288 -21.74 -11.30 1.52
N ILE A 289 -21.55 -10.44 0.51
CA ILE A 289 -20.23 -9.85 0.16
C ILE A 289 -20.30 -8.31 0.11
N TYR A 290 -19.47 -7.67 0.95
CA TYR A 290 -19.33 -6.20 1.03
C TYR A 290 -18.06 -5.75 0.31
N GLY A 291 -18.20 -4.85 -0.65
CA GLY A 291 -17.06 -4.12 -1.21
C GLY A 291 -16.84 -2.86 -0.39
N ILE A 292 -15.67 -2.75 0.24
CA ILE A 292 -15.39 -1.58 1.08
C ILE A 292 -14.18 -0.78 0.52
N PRO A 293 -14.35 0.55 0.37
CA PRO A 293 -13.32 1.38 -0.31
C PRO A 293 -12.19 1.81 0.64
N TYR A 294 -11.35 0.85 0.99
CA TYR A 294 -10.21 1.06 1.86
C TYR A 294 -8.98 1.37 0.98
N SER A 295 -8.67 2.64 0.81
CA SER A 295 -7.55 3.05 -0.06
C SER A 295 -6.25 3.25 0.69
N GLU A 296 -5.16 2.75 0.10
CA GLU A 296 -3.77 3.10 0.52
C GLU A 296 -3.05 4.04 -0.47
N HIS A 297 -3.83 4.74 -1.29
CA HIS A 297 -3.33 5.82 -2.16
C HIS A 297 -4.09 7.13 -1.86
N SER A 298 -3.43 8.27 -2.10
CA SER A 298 -4.06 9.57 -1.91
C SER A 298 -5.36 9.73 -2.69
N SER A 299 -6.41 10.27 -2.09
CA SER A 299 -7.50 10.85 -2.89
C SER A 299 -7.00 12.07 -3.69
N TYR A 300 -7.80 12.51 -4.67
CA TYR A 300 -7.46 13.76 -5.38
C TYR A 300 -7.20 14.93 -4.41
N LEU A 301 -8.14 15.14 -3.46
CA LEU A 301 -8.02 16.26 -2.51
C LEU A 301 -6.76 16.16 -1.61
N GLU A 302 -6.47 14.95 -1.12
CA GLU A 302 -5.25 14.72 -0.31
C GLU A 302 -3.97 15.02 -1.09
N MET A 303 -3.90 14.53 -2.33
CA MET A 303 -2.75 14.78 -3.22
C MET A 303 -2.53 16.27 -3.50
N LYS A 304 -3.64 16.95 -3.84
CA LYS A 304 -3.63 18.40 -4.10
C LYS A 304 -3.12 19.20 -2.89
N ARG A 305 -3.60 18.88 -1.70
CA ARG A 305 -3.14 19.58 -0.47
C ARG A 305 -1.64 19.39 -0.27
N PHE A 306 -1.17 18.15 -0.36
CA PHE A 306 0.26 17.86 -0.20
C PHE A 306 1.15 18.65 -1.17
N VAL A 307 0.79 18.63 -2.47
CA VAL A 307 1.60 19.28 -3.47
C VAL A 307 1.57 20.81 -3.32
N GLN A 308 0.39 21.37 -3.04
CA GLN A 308 0.29 22.83 -2.78
C GLN A 308 1.05 23.31 -1.54
N TRP A 309 1.19 22.43 -0.55
CA TRP A 309 2.05 22.71 0.64
C TRP A 309 3.55 22.63 0.30
N LEU A 310 3.93 21.58 -0.43
CA LEU A 310 5.35 21.32 -0.75
C LEU A 310 5.94 22.32 -1.75
N LYS A 311 5.13 22.75 -2.72
CA LYS A 311 5.53 23.76 -3.72
C LYS A 311 6.77 23.35 -4.55
N PRO A 312 6.74 22.15 -5.16
CA PRO A 312 7.89 21.70 -5.93
C PRO A 312 8.06 22.51 -7.22
N GLN A 313 9.30 22.64 -7.71
CA GLN A 313 9.53 23.36 -8.96
C GLN A 313 9.09 22.58 -10.21
N LYS A 314 9.19 21.25 -10.16
CA LYS A 314 8.79 20.37 -11.27
C LYS A 314 8.23 19.07 -10.69
N ILE A 315 7.18 18.56 -11.35
CA ILE A 315 6.54 17.29 -10.98
C ILE A 315 6.69 16.26 -12.12
N ILE A 316 7.11 15.03 -11.77
CA ILE A 316 7.23 13.92 -12.70
C ILE A 316 6.26 12.82 -12.21
N PRO A 317 5.12 12.61 -12.90
CA PRO A 317 4.21 11.52 -12.50
C PRO A 317 4.86 10.15 -12.65
N THR A 318 4.52 9.21 -11.75
CA THR A 318 5.02 7.82 -11.86
C THR A 318 3.89 6.77 -12.12
N VAL A 319 2.63 7.24 -12.20
CA VAL A 319 1.44 6.38 -12.46
C VAL A 319 0.54 7.05 -13.50
N ASN A 320 -0.10 6.23 -14.34
CA ASN A 320 -0.94 6.72 -15.46
C ASN A 320 -0.11 7.46 -16.52
N VAL A 321 1.10 6.96 -16.76
CA VAL A 321 2.06 7.60 -17.67
C VAL A 321 1.94 7.13 -19.14
N GLY A 322 1.10 6.13 -19.40
CA GLY A 322 1.09 5.44 -20.69
C GLY A 322 0.22 6.02 -21.80
N THR A 323 -0.74 6.91 -21.50
CA THR A 323 -1.59 7.54 -22.51
C THR A 323 -1.41 9.04 -22.61
N TRP A 324 -1.58 9.62 -23.80
CA TRP A 324 -1.50 11.06 -23.97
C TRP A 324 -2.62 11.77 -23.20
N LYS A 325 -3.82 11.18 -23.21
CA LYS A 325 -4.96 11.73 -22.47
C LYS A 325 -4.68 11.85 -20.97
N SER A 326 -4.15 10.77 -20.38
CA SER A 326 -3.80 10.80 -18.94
C SER A 326 -2.72 11.85 -18.67
N ARG A 327 -1.69 11.89 -19.50
CA ARG A 327 -0.59 12.84 -19.30
C ARG A 327 -1.07 14.30 -19.36
N SER A 328 -1.88 14.61 -20.37
CA SER A 328 -2.44 15.96 -20.54
C SER A 328 -3.36 16.38 -19.38
N THR A 329 -4.22 15.46 -18.94
CA THR A 329 -5.09 15.70 -17.78
C THR A 329 -4.27 16.04 -16.51
N MET A 330 -3.25 15.23 -16.21
CA MET A 330 -2.43 15.45 -15.02
C MET A 330 -1.71 16.81 -15.10
N GLU A 331 -1.13 17.12 -16.26
N GLU A 331 -1.12 17.13 -16.25
CA GLU A 331 -0.43 18.40 -16.46
CA GLU A 331 -0.43 18.42 -16.41
C GLU A 331 -1.34 19.62 -16.25
C GLU A 331 -1.37 19.61 -16.19
N LYS A 332 -2.60 19.51 -16.68
CA LYS A 332 -3.61 20.59 -16.47
C LYS A 332 -3.89 20.81 -14.98
N TYR A 333 -4.04 19.72 -14.22
CA TYR A 333 -4.24 19.85 -12.77
C TYR A 333 -3.02 20.45 -12.08
N PHE A 334 -1.82 20.03 -12.45
CA PHE A 334 -0.63 20.59 -11.78
C PHE A 334 -0.58 22.12 -12.01
N ARG A 335 -0.91 22.58 -13.21
CA ARG A 335 -0.91 24.04 -13.50
C ARG A 335 -2.01 24.77 -12.72
N GLU A 336 -3.20 24.19 -12.61
N GLU A 336 -3.18 24.16 -12.60
CA GLU A 336 -4.25 24.77 -11.79
CA GLU A 336 -4.28 24.73 -11.80
C GLU A 336 -3.74 24.94 -10.36
C GLU A 336 -3.91 24.85 -10.32
N TRP A 337 -3.18 23.86 -9.80
CA TRP A 337 -2.71 23.91 -8.41
C TRP A 337 -1.70 25.01 -8.15
N LYS A 338 -0.77 25.17 -9.08
CA LYS A 338 0.29 26.19 -9.04
C LYS A 338 -0.30 27.60 -9.11
N LEU A 339 -1.23 27.82 -10.04
CA LEU A 339 -1.87 29.16 -10.19
C LEU A 339 -2.73 29.54 -8.99
N GLU A 340 -3.47 28.58 -8.43
CA GLU A 340 -4.32 28.83 -7.25
C GLU A 340 -3.46 29.22 -6.03
N ALA A 341 -2.37 28.49 -5.80
CA ALA A 341 -1.54 28.68 -4.60
C ALA A 341 -0.47 29.76 -4.76
N GLY A 342 -0.05 30.06 -5.99
CA GLY A 342 0.92 31.15 -6.25
C GLY A 342 2.41 30.82 -6.31
N TYR A 343 2.77 29.55 -6.42
CA TYR A 343 4.20 29.14 -6.52
C TYR A 343 4.60 29.01 -7.98
C1 MLI B . -0.19 -1.78 -6.11
C2 MLI B . -0.79 -0.67 -5.30
C3 MLI B . 1.24 -1.58 -6.56
O6 MLI B . -1.95 -0.30 -5.54
O7 MLI B . -0.14 -0.17 -4.37
O8 MLI B . 1.51 -1.96 -7.74
O9 MLI B . 2.07 -1.12 -5.70
NI NI C . 1.86 -0.21 -3.89
N1 AWS D . -30.48 -12.55 8.84
C4 AWS D . -28.07 -16.34 7.01
C5 AWS D . -28.87 -15.59 9.18
C6 AWS D . -28.90 -16.90 9.70
C7 AWS D . -29.29 -17.08 11.03
C8 AWS D . -29.63 -16.01 11.82
C10 AWS D . -29.23 -14.49 9.96
C13 AWS D . -30.92 -13.28 7.61
C1 AWS D . -28.51 -19.43 9.25
C2 AWS D . -28.52 -18.01 8.80
C3 AWS D . -28.16 -17.70 7.51
O1 AWS D . -27.66 -16.01 5.93
O2 AWS D . -28.48 -15.32 7.84
C9 AWS D . -29.61 -14.71 11.29
C11 AWS D . -29.18 -13.07 9.40
C12 AWS D . -31.57 -12.47 9.84
O3 AWS D . -29.94 -13.68 12.09
#